data_6UFW
#
_entry.id   6UFW
#
_cell.length_a   51.092
_cell.length_b   55.176
_cell.length_c   89.427
_cell.angle_alpha   90.000
_cell.angle_beta   90.000
_cell.angle_gamma   90.000
#
_symmetry.space_group_name_H-M   'C 2 2 21'
#
loop_
_entity.id
_entity.type
_entity.pdbx_description
1 polymer Endoglucanase
2 water water
#
_entity_poly.entity_id   1
_entity_poly.type   'polypeptide(L)'
_entity_poly.pdbx_seq_one_letter_code
;MASISVQYRAGDGSMNSNQIRPQLQIKNNGNTTVDLKDVTARYWYKAKNKGQNFDCDYAQIGCGNVTHKFVTLHKPKQGA
DTYLELGFKNGTLAPGASTGNIQLRLHNDDWSNYAQSGDYSFFKSNTFKTTKKITLYDQGKLIWGTEPN
;
_entity_poly.pdbx_strand_id   A
#
# COMPACT_ATOMS: atom_id res chain seq x y z
N MET A 1 15.84 -14.18 -3.29
CA MET A 1 15.20 -13.01 -2.71
C MET A 1 14.10 -13.41 -1.74
N ALA A 2 13.67 -12.48 -0.90
CA ALA A 2 12.51 -12.67 -0.04
C ALA A 2 11.29 -12.93 -0.91
N SER A 3 10.37 -13.77 -0.46
CA SER A 3 9.16 -14.01 -1.23
C SER A 3 7.97 -13.50 -0.44
N ILE A 4 7.53 -12.31 -0.76
CA ILE A 4 6.42 -11.71 -0.04
C ILE A 4 5.41 -11.21 -1.04
N SER A 5 4.16 -11.13 -0.62
CA SER A 5 3.13 -10.63 -1.51
C SER A 5 2.15 -9.80 -0.72
N VAL A 6 1.36 -8.99 -1.42
N VAL A 6 1.37 -9.01 -1.45
CA VAL A 6 0.40 -8.14 -0.74
CA VAL A 6 0.35 -8.14 -0.88
C VAL A 6 -1.04 -8.58 -1.05
C VAL A 6 -1.05 -8.71 -1.07
N GLN A 7 -1.82 -8.74 0.02
CA GLN A 7 -3.26 -8.96 -0.08
C GLN A 7 -3.93 -7.63 0.24
N TYR A 8 -4.97 -7.29 -0.50
CA TYR A 8 -5.54 -5.97 -0.42
C TYR A 8 -6.99 -5.95 -0.81
N ARG A 9 -7.70 -4.98 -0.26
CA ARG A 9 -8.96 -4.58 -0.83
C ARG A 9 -9.22 -3.15 -0.45
N ALA A 10 -9.92 -2.43 -1.31
CA ALA A 10 -10.31 -1.07 -0.98
C ALA A 10 -11.37 -1.12 0.10
N GLY A 11 -11.32 -0.17 1.02
CA GLY A 11 -12.40 -0.06 1.99
C GLY A 11 -13.73 0.13 1.27
N ASP A 12 -14.76 -0.52 1.79
CA ASP A 12 -16.08 -0.47 1.15
C ASP A 12 -16.59 0.94 1.00
N GLY A 13 -17.07 1.27 -0.20
CA GLY A 13 -17.67 2.56 -0.44
C GLY A 13 -16.69 3.67 -0.67
N SER A 14 -15.40 3.35 -0.66
CA SER A 14 -14.38 4.40 -0.66
C SER A 14 -14.12 5.02 -2.03
N MET A 15 -14.41 4.28 -3.09
CA MET A 15 -13.98 4.63 -4.45
C MET A 15 -14.12 6.10 -4.83
N ASN A 16 -15.32 6.64 -4.70
CA ASN A 16 -15.56 8.03 -5.07
C ASN A 16 -15.79 8.90 -3.85
N SER A 17 -15.33 8.42 -2.72
CA SER A 17 -15.41 9.14 -1.46
C SER A 17 -14.21 10.07 -1.28
N ASN A 18 -14.19 10.78 -0.17
CA ASN A 18 -13.08 11.66 0.10
C ASN A 18 -11.94 10.93 0.81
N GLN A 19 -11.97 9.60 0.84
CA GLN A 19 -10.83 8.86 1.35
C GLN A 19 -10.44 7.71 0.47
N ILE A 20 -9.14 7.58 0.26
CA ILE A 20 -8.57 6.33 -0.21
C ILE A 20 -8.41 5.47 1.01
N ARG A 21 -8.91 4.24 0.97
CA ARG A 21 -8.88 3.38 2.15
C ARG A 21 -8.26 2.02 1.85
N PRO A 22 -6.93 1.99 1.67
CA PRO A 22 -6.28 0.70 1.41
C PRO A 22 -6.28 -0.15 2.67
N GLN A 23 -6.70 -1.38 2.50
CA GLN A 23 -6.61 -2.39 3.54
C GLN A 23 -5.59 -3.37 3.01
N LEU A 24 -4.48 -3.58 3.71
CA LEU A 24 -3.37 -4.38 3.20
C LEU A 24 -2.93 -5.43 4.18
N GLN A 25 -2.38 -6.51 3.64
CA GLN A 25 -1.64 -7.49 4.42
C GLN A 25 -0.42 -7.86 3.61
N ILE A 26 0.70 -8.13 4.28
CA ILE A 26 1.88 -8.65 3.58
C ILE A 26 2.17 -10.02 4.14
N LYS A 27 2.31 -11.00 3.26
CA LYS A 27 2.51 -12.37 3.65
C LYS A 27 3.87 -12.84 3.16
N ASN A 28 4.55 -13.61 4.00
CA ASN A 28 5.79 -14.25 3.64
C ASN A 28 5.50 -15.62 3.11
N ASN A 29 5.65 -15.76 1.79
CA ASN A 29 5.40 -17.01 1.10
C ASN A 29 6.62 -17.89 0.98
N GLY A 30 7.76 -17.38 1.40
CA GLY A 30 9.01 -18.08 1.19
C GLY A 30 9.44 -18.94 2.36
N ASN A 31 10.70 -19.40 2.29
CA ASN A 31 11.22 -20.33 3.27
C ASN A 31 12.33 -19.69 4.11
N THR A 32 12.40 -18.38 4.02
CA THR A 32 13.30 -17.55 4.79
C THR A 32 12.50 -16.59 5.63
N THR A 33 13.09 -16.07 6.68
CA THR A 33 12.38 -14.98 7.37
C THR A 33 12.45 -13.70 6.57
N VAL A 34 11.60 -12.76 6.96
CA VAL A 34 11.60 -11.42 6.37
C VAL A 34 11.64 -10.41 7.50
N ASP A 35 12.58 -9.48 7.42
CA ASP A 35 12.65 -8.38 8.35
C ASP A 35 11.89 -7.22 7.79
N LEU A 36 10.76 -6.89 8.41
CA LEU A 36 9.89 -5.88 7.88
C LEU A 36 10.58 -4.52 7.78
N LYS A 37 11.55 -4.24 8.65
CA LYS A 37 12.22 -2.95 8.58
C LYS A 37 12.84 -2.69 7.19
N ASP A 38 13.19 -3.77 6.48
CA ASP A 38 13.76 -3.65 5.16
C ASP A 38 12.72 -3.60 4.06
N VAL A 39 11.47 -3.80 4.42
CA VAL A 39 10.41 -3.93 3.43
C VAL A 39 9.67 -2.62 3.27
N THR A 40 9.45 -2.22 2.03
CA THR A 40 8.54 -1.10 1.80
C THR A 40 7.47 -1.54 0.83
N ALA A 41 6.34 -0.87 0.89
CA ALA A 41 5.23 -1.13 -0.03
C ALA A 41 4.88 0.18 -0.67
N ARG A 42 4.49 0.14 -1.95
CA ARG A 42 4.04 1.33 -2.62
C ARG A 42 2.68 1.14 -3.20
N TYR A 43 1.80 2.08 -2.86
CA TYR A 43 0.44 2.15 -3.35
C TYR A 43 0.39 3.32 -4.31
N TRP A 44 0.13 3.01 -5.57
CA TRP A 44 0.27 3.95 -6.67
C TRP A 44 -1.06 4.51 -7.09
N TYR A 45 -1.15 5.83 -7.23
CA TYR A 45 -2.44 6.42 -7.53
C TYR A 45 -2.26 7.80 -8.10
N LYS A 46 -3.38 8.40 -8.50
CA LYS A 46 -3.37 9.73 -9.03
C LYS A 46 -3.86 10.70 -8.00
N ALA A 47 -2.95 11.46 -7.41
CA ALA A 47 -3.31 12.49 -6.46
C ALA A 47 -3.68 13.79 -7.20
N LYS A 48 -3.33 13.89 -8.48
CA LYS A 48 -3.83 14.97 -9.32
C LYS A 48 -3.47 16.33 -8.72
N ASN A 49 -2.24 16.43 -8.23
N ASN A 49 -2.26 16.39 -8.17
CA ASN A 49 -1.66 17.66 -7.68
CA ASN A 49 -1.65 17.63 -7.71
C ASN A 49 -2.40 18.21 -6.46
C ASN A 49 -2.23 18.13 -6.39
N LYS A 50 -3.12 17.34 -5.78
CA LYS A 50 -3.70 17.67 -4.49
C LYS A 50 -2.78 17.17 -3.40
N GLY A 51 -2.59 17.97 -2.36
CA GLY A 51 -1.82 17.55 -1.21
C GLY A 51 -2.47 16.35 -0.56
N GLN A 52 -1.65 15.42 -0.08
CA GLN A 52 -2.11 14.16 0.46
C GLN A 52 -1.86 14.06 1.95
N ASN A 53 -2.69 13.26 2.60
CA ASN A 53 -2.69 13.14 4.05
C ASN A 53 -2.93 11.69 4.39
N PHE A 54 -2.22 11.21 5.39
CA PHE A 54 -2.21 9.81 5.77
C PHE A 54 -2.77 9.61 7.17
N ASP A 55 -3.52 8.53 7.35
CA ASP A 55 -3.83 8.03 8.68
C ASP A 55 -3.69 6.53 8.68
N CYS A 56 -3.16 6.00 9.76
CA CYS A 56 -3.22 4.58 10.04
C CYS A 56 -4.25 4.42 11.13
N ASP A 57 -5.32 3.68 10.86
CA ASP A 57 -6.35 3.52 11.86
C ASP A 57 -6.14 2.31 12.73
N TYR A 58 -5.59 1.26 12.15
CA TYR A 58 -5.29 0.07 12.90
C TYR A 58 -4.35 -0.78 12.08
N ALA A 59 -3.39 -1.39 12.76
CA ALA A 59 -2.57 -2.41 12.14
C ALA A 59 -2.34 -3.47 13.18
N GLN A 60 -2.44 -4.73 12.78
CA GLN A 60 -2.15 -5.80 13.71
C GLN A 60 -0.74 -5.67 14.29
N ILE A 61 0.23 -5.20 13.50
CA ILE A 61 1.56 -4.98 14.04
C ILE A 61 1.71 -3.67 14.82
N GLY A 62 0.66 -2.84 14.83
CA GLY A 62 0.67 -1.57 15.54
C GLY A 62 0.94 -0.42 14.60
N CYS A 63 0.01 0.53 14.51
CA CYS A 63 0.23 1.66 13.62
C CYS A 63 1.50 2.41 13.94
N GLY A 64 1.92 2.39 15.21
CA GLY A 64 3.14 3.09 15.58
C GLY A 64 4.36 2.45 14.96
N ASN A 65 4.21 1.24 14.44
CA ASN A 65 5.32 0.57 13.80
C ASN A 65 5.31 0.70 12.29
N VAL A 66 4.30 1.39 11.76
CA VAL A 66 4.19 1.65 10.34
C VAL A 66 4.65 3.07 10.02
N THR A 67 5.53 3.21 9.05
CA THR A 67 5.93 4.52 8.59
C THR A 67 5.31 4.80 7.24
N HIS A 68 5.27 6.06 6.85
CA HIS A 68 4.72 6.39 5.54
C HIS A 68 5.42 7.61 5.01
N LYS A 69 5.39 7.73 3.69
CA LYS A 69 5.63 8.99 3.04
C LYS A 69 4.94 8.99 1.69
N PHE A 70 4.71 10.17 1.16
CA PHE A 70 4.18 10.33 -0.17
C PHE A 70 5.30 10.76 -1.06
N VAL A 71 5.31 10.19 -2.27
CA VAL A 71 6.27 10.54 -3.27
C VAL A 71 5.58 10.85 -4.58
N THR A 72 5.76 12.08 -5.05
CA THR A 72 5.27 12.45 -6.35
C THR A 72 6.21 11.90 -7.41
N LEU A 73 5.63 11.32 -8.45
CA LEU A 73 6.44 10.81 -9.56
C LEU A 73 7.01 11.94 -10.38
N HIS A 74 8.15 11.69 -10.99
CA HIS A 74 8.79 12.65 -11.87
C HIS A 74 7.80 13.25 -12.83
N LYS A 75 7.02 12.37 -13.45
CA LYS A 75 5.92 12.78 -14.30
C LYS A 75 4.84 11.71 -14.20
N PRO A 76 3.60 12.06 -14.55
CA PRO A 76 2.54 11.07 -14.43
C PRO A 76 2.79 9.87 -15.29
N LYS A 77 2.31 8.73 -14.82
CA LYS A 77 2.25 7.47 -15.56
C LYS A 77 0.80 7.06 -15.70
N GLN A 78 0.50 6.10 -16.57
CA GLN A 78 -0.84 5.57 -16.60
C GLN A 78 -1.24 5.05 -15.20
N GLY A 79 -2.30 5.63 -14.67
CA GLY A 79 -2.84 5.22 -13.39
C GLY A 79 -2.15 5.77 -12.15
N ALA A 80 -1.12 6.59 -12.31
CA ALA A 80 -0.40 7.05 -11.15
C ALA A 80 0.39 8.33 -11.37
N ASP A 81 0.34 9.24 -10.40
CA ASP A 81 1.25 10.37 -10.42
C ASP A 81 1.95 10.47 -9.06
N THR A 82 1.64 9.54 -8.16
CA THR A 82 2.11 9.52 -6.78
C THR A 82 2.16 8.10 -6.29
N TYR A 83 3.03 7.81 -5.33
CA TYR A 83 2.77 6.65 -4.50
C TYR A 83 2.90 7.01 -3.03
N LEU A 84 2.09 6.31 -2.26
CA LEU A 84 2.26 6.20 -0.83
C LEU A 84 3.25 5.10 -0.59
N GLU A 85 4.34 5.38 0.11
CA GLU A 85 5.22 4.33 0.51
C GLU A 85 5.04 4.04 1.98
N LEU A 86 4.83 2.77 2.29
CA LEU A 86 4.78 2.27 3.64
C LEU A 86 6.08 1.61 3.99
N GLY A 87 6.52 1.82 5.22
CA GLY A 87 7.63 1.10 5.77
C GLY A 87 7.30 0.62 7.17
N PHE A 88 8.27 0.00 7.82
CA PHE A 88 8.06 -0.61 9.11
C PHE A 88 9.25 -0.35 10.00
N LYS A 89 9.00 -0.12 11.29
CA LYS A 89 10.06 0.20 12.25
C LYS A 89 10.73 -1.07 12.73
N ASN A 90 10.02 -2.18 12.67
CA ASN A 90 10.47 -3.43 13.24
C ASN A 90 9.53 -4.55 12.81
N GLY A 91 9.82 -5.75 13.29
CA GLY A 91 8.95 -6.88 13.08
C GLY A 91 9.56 -7.84 12.09
N THR A 92 9.27 -9.12 12.27
N THR A 92 9.26 -9.12 12.25
CA THR A 92 9.72 -10.12 11.34
CA THR A 92 9.80 -10.16 11.38
C THR A 92 8.55 -10.99 10.96
C THR A 92 8.68 -11.14 11.04
N LEU A 93 8.65 -11.60 9.80
CA LEU A 93 7.72 -12.63 9.39
C LEU A 93 8.47 -13.92 9.22
N ALA A 94 8.13 -14.93 9.99
CA ALA A 94 8.59 -16.28 9.71
C ALA A 94 7.96 -16.76 8.40
N PRO A 95 8.52 -17.81 7.78
CA PRO A 95 7.87 -18.42 6.63
C PRO A 95 6.39 -18.66 6.93
N GLY A 96 5.53 -18.22 6.02
CA GLY A 96 4.11 -18.48 6.13
C GLY A 96 3.36 -17.43 6.93
N ALA A 97 4.09 -16.55 7.61
CA ALA A 97 3.43 -15.55 8.47
C ALA A 97 3.03 -14.31 7.70
N SER A 98 2.09 -13.57 8.28
CA SER A 98 1.53 -12.39 7.65
C SER A 98 1.59 -11.24 8.64
N THR A 99 1.62 -10.02 8.13
CA THR A 99 1.47 -8.87 9.00
C THR A 99 0.09 -8.78 9.63
N GLY A 100 -0.88 -9.46 9.03
CA GLY A 100 -2.25 -9.17 9.33
C GLY A 100 -2.60 -7.79 8.80
N ASN A 101 -3.76 -7.32 9.18
CA ASN A 101 -4.31 -6.14 8.56
C ASN A 101 -3.55 -4.86 8.86
N ILE A 102 -3.51 -4.01 7.85
CA ILE A 102 -3.02 -2.65 7.92
C ILE A 102 -4.11 -1.81 7.28
N GLN A 103 -4.77 -0.99 8.09
CA GLN A 103 -5.97 -0.27 7.67
C GLN A 103 -5.66 1.20 7.63
N LEU A 104 -5.64 1.74 6.43
CA LEU A 104 -5.16 3.08 6.18
C LEU A 104 -6.24 3.96 5.59
N ARG A 105 -6.06 5.25 5.68
CA ARG A 105 -6.93 6.21 5.04
C ARG A 105 -6.08 7.37 4.56
N LEU A 106 -6.33 7.80 3.34
CA LEU A 106 -5.68 8.95 2.76
C LEU A 106 -6.74 9.95 2.42
N HIS A 107 -6.44 11.23 2.58
CA HIS A 107 -7.38 12.25 2.10
C HIS A 107 -6.65 13.41 1.47
N ASN A 108 -7.36 14.13 0.63
CA ASN A 108 -6.86 15.35 0.01
C ASN A 108 -6.85 16.45 1.02
N ASP A 109 -5.92 17.39 0.87
CA ASP A 109 -5.88 18.51 1.79
C ASP A 109 -7.25 19.13 2.02
N ASP A 110 -7.99 19.31 0.93
CA ASP A 110 -9.28 20.01 0.98
C ASP A 110 -10.46 19.08 1.24
N TRP A 111 -10.18 17.82 1.56
CA TRP A 111 -11.21 16.81 1.80
C TRP A 111 -12.17 16.61 0.64
N SER A 112 -11.75 16.98 -0.57
CA SER A 112 -12.55 16.72 -1.74
C SER A 112 -12.58 15.25 -2.07
N ASN A 113 -13.60 14.84 -2.80
CA ASN A 113 -13.73 13.46 -3.18
C ASN A 113 -12.70 13.04 -4.19
N TYR A 114 -12.15 11.86 -3.99
CA TYR A 114 -11.38 11.20 -5.02
C TYR A 114 -12.30 10.56 -6.04
N ALA A 115 -11.72 10.17 -7.16
CA ALA A 115 -12.37 9.31 -8.15
C ALA A 115 -11.37 8.22 -8.46
N GLN A 116 -11.42 7.13 -7.70
CA GLN A 116 -10.28 6.21 -7.65
C GLN A 116 -10.23 5.16 -8.72
N SER A 117 -11.29 5.00 -9.52
CA SER A 117 -11.34 3.92 -10.49
C SER A 117 -10.09 3.80 -11.35
N GLY A 118 -9.55 4.92 -11.83
CA GLY A 118 -8.36 4.84 -12.64
C GLY A 118 -7.02 4.70 -11.90
N ASP A 119 -7.04 4.60 -10.58
CA ASP A 119 -5.81 4.56 -9.82
C ASP A 119 -5.17 3.19 -9.99
N TYR A 120 -3.88 3.18 -10.29
CA TYR A 120 -3.18 1.94 -10.58
C TYR A 120 -3.40 0.87 -9.52
N SER A 121 -3.24 1.24 -8.25
CA SER A 121 -3.30 0.27 -7.15
C SER A 121 -4.68 0.06 -6.57
N PHE A 122 -5.68 0.77 -7.09
CA PHE A 122 -7.03 0.67 -6.58
C PHE A 122 -7.79 -0.47 -7.22
N PHE A 123 -8.51 -1.24 -6.42
CA PHE A 123 -9.66 -1.96 -6.96
C PHE A 123 -10.65 -2.26 -5.86
N LYS A 124 -11.91 -2.32 -6.27
CA LYS A 124 -12.97 -2.79 -5.42
C LYS A 124 -12.95 -4.31 -5.49
N SER A 125 -13.23 -4.96 -4.36
N SER A 125 -13.22 -4.96 -4.37
CA SER A 125 -13.24 -6.41 -4.28
CA SER A 125 -13.30 -6.41 -4.32
C SER A 125 -14.03 -6.88 -3.06
C SER A 125 -14.16 -6.80 -3.14
N ASN A 126 -14.73 -8.00 -3.19
CA ASN A 126 -15.54 -8.49 -2.09
C ASN A 126 -14.71 -8.94 -0.89
N THR A 127 -13.49 -9.39 -1.15
CA THR A 127 -12.61 -9.89 -0.10
C THR A 127 -11.19 -9.38 -0.35
N PHE A 128 -10.28 -9.61 0.59
CA PHE A 128 -8.86 -9.39 0.34
C PHE A 128 -8.46 -10.23 -0.87
N LYS A 129 -7.71 -9.63 -1.79
CA LYS A 129 -7.15 -10.35 -2.93
C LYS A 129 -5.66 -10.08 -3.00
N THR A 130 -4.90 -11.07 -3.42
CA THR A 130 -3.53 -10.83 -3.84
C THR A 130 -3.49 -9.85 -5.01
N THR A 131 -2.62 -8.85 -4.90
CA THR A 131 -2.52 -7.87 -5.96
C THR A 131 -1.07 -7.63 -6.35
N LYS A 132 -0.83 -7.57 -7.65
CA LYS A 132 0.48 -7.27 -8.16
C LYS A 132 0.67 -5.77 -8.34
N LYS A 133 -0.36 -5.00 -8.05
CA LYS A 133 -0.30 -3.57 -8.34
C LYS A 133 0.01 -2.72 -7.12
N ILE A 134 0.22 -3.36 -5.98
CA ILE A 134 0.87 -2.75 -4.84
C ILE A 134 2.18 -3.45 -4.76
N THR A 135 3.25 -2.71 -4.95
CA THR A 135 4.57 -3.32 -5.09
C THR A 135 5.31 -3.37 -3.77
N LEU A 136 6.19 -4.34 -3.61
CA LEU A 136 7.01 -4.47 -2.39
C LEU A 136 8.46 -4.48 -2.76
N TYR A 137 9.25 -3.98 -1.84
CA TYR A 137 10.68 -3.76 -2.02
C TYR A 137 11.43 -4.27 -0.82
N ASP A 138 12.64 -4.76 -1.08
CA ASP A 138 13.57 -5.16 -0.05
C ASP A 138 14.76 -4.24 -0.21
N GLN A 139 14.97 -3.41 0.79
CA GLN A 139 15.99 -2.34 0.73
C GLN A 139 15.89 -1.61 -0.62
N GLY A 140 14.65 -1.32 -1.04
CA GLY A 140 14.43 -0.51 -2.22
C GLY A 140 14.47 -1.26 -3.53
N LYS A 141 14.76 -2.55 -3.50
CA LYS A 141 14.72 -3.37 -4.71
C LYS A 141 13.37 -4.02 -4.87
N LEU A 142 12.78 -3.88 -6.05
CA LEU A 142 11.46 -4.44 -6.31
C LEU A 142 11.49 -5.95 -6.19
N ILE A 143 10.64 -6.50 -5.34
CA ILE A 143 10.57 -7.96 -5.21
C ILE A 143 9.16 -8.54 -5.34
N TRP A 144 8.14 -7.69 -5.36
CA TRP A 144 6.79 -8.15 -5.60
C TRP A 144 6.05 -7.12 -6.42
N GLY A 145 5.39 -7.61 -7.46
CA GLY A 145 4.47 -6.79 -8.21
C GLY A 145 5.09 -6.12 -9.39
N THR A 146 4.26 -5.35 -10.08
CA THR A 146 4.68 -4.61 -11.26
C THR A 146 4.41 -3.13 -11.02
N GLU A 147 5.40 -2.29 -11.27
CA GLU A 147 5.19 -0.86 -11.17
C GLU A 147 4.48 -0.30 -12.39
N PRO A 148 3.76 0.82 -12.22
CA PRO A 148 3.12 1.39 -13.41
C PRO A 148 4.18 1.87 -14.37
N ASN A 149 3.83 1.89 -15.64
CA ASN A 149 4.77 2.15 -16.72
C ASN A 149 4.60 3.55 -17.29
#